data_6TU1
#
_entry.id   6TU1
#
_cell.length_a   64.210
_cell.length_b   64.210
_cell.length_c   226.570
_cell.angle_alpha   90.000
_cell.angle_beta   90.000
_cell.angle_gamma   120.000
#
_symmetry.space_group_name_H-M   'P 32 2 1'
#
loop_
_entity.id
_entity.type
_entity.pdbx_description
1 polymer 'N6-adenosine-methyltransferase catalytic subunit'
2 polymer 'N6-adenosine-methyltransferase non-catalytic subunit'
3 non-polymer (2~{R},3~{R},4~{R},5~{R})-2-[(6-aminopurin-9-yl)methyl]-5-azanyl-oxane-3,4-diol
4 non-polymer 'ACETATE ION'
5 water water
#
loop_
_entity_poly.entity_id
_entity_poly.type
_entity_poly.pdbx_seq_one_letter_code
_entity_poly.pdbx_strand_id
1 'polypeptide(L)'
;MSDTWSSIQAHKKQLDSLRERLQRRRKQDSGHLDLRNPEAALSPTFRSDSPVPTAPTSGGPKPSTASAVPELATDPELEK
KLLHHLSDLALTLPTDAVSICLAISTPDAPATQDGVESLLQKFAAQELIEVKRGLLQDDAHPTLVTYADHSKLSAMMGAV
AEKKGPGEVAGTVTGQKRRAEQDSTTVAAFASSLVSGLNSSASEPAKEPAKKSRKHAASDVDLEIESLLNQQSTKEQQSK
KVSQEILELLNTTTAKEQSIVEKFRSRGRAQVQEFCDYGTKEECMKASDADRPCRKLHFRRIINKHTDESLGDCSFLNTC
FHMDTCKYVHYEIDACMDSEAPGSKDHTPSQELALTQSVGGDSSADRLFPPQWICCDIRYLDVSILGKFAVVMADPPWDI
HMELPYGTLTDDEMRRLNIPVLQDDGFLFLWVTGRAMELGRECLNLWGYERVDEIIWVKTNQLQRIIRTGRTGHWLNHGK
EHCLVGVKGNPQGFNQGLDCDVIVAEVRSTSHKPDEIYGMIERLSPGTRKIELFGRPHNVQPNWITLGNQLDGIHLLDPD
VVARFKQRYPDGIISKPKNL
;
A
2 'polypeptide(L)'
;MDSRLQEIRERQKLRRQLLAQQLGAESADSIGAVLNSKDEQREIAETRETCRASYDTSAPNAKRKYLDEGETDEDKMEEY
KDELEMQQDEENLPYEEEIYKDSSTFLKGTQSLNPHNDYCQHFVDTGHRPQNFIRDVGLADRFEEYPKLRELIRLKDELI
AKSNTPPMYLQADIEAFDIRELTPKFDVILLEPPLEEYYRETGITANEKCWTWDDIMKLEIDEIAAPRSFIFLWCGSGEG
LDLGRVCLRKWGYRRCEDICWIKTNKNNPGKTKTLDPKAVFQRTKEHCLMGIKGTVKRSTDGDFIHANVDIDLIITEEPE
IGNIEKPVEIFHIIEHFCLGRRRLHLFGRDSTIRPGWLTVGPTLTNSNYNAETYASYFSAPNSYLTGCTEEIERLRPKSP
PPKSKSDRGGGAPRGGGRGGTSAGRGRERNRSNFRGERGGFRGGRGGAHRGGFPPR
;
B
#
# COMPACT_ATOMS: atom_id res chain seq x y z
N LEU A 368 35.82 0.56 7.45
CA LEU A 368 34.37 0.43 7.54
C LEU A 368 33.68 0.31 6.17
N PHE A 369 33.82 1.34 5.31
CA PHE A 369 33.18 1.52 3.99
C PHE A 369 32.79 0.25 3.22
N PRO A 370 33.65 -0.76 3.04
CA PRO A 370 33.28 -1.91 2.17
C PRO A 370 32.19 -2.78 2.77
N PRO A 371 31.64 -3.73 2.00
CA PRO A 371 30.59 -4.63 2.51
C PRO A 371 31.03 -5.41 3.74
N GLN A 372 30.11 -5.58 4.69
CA GLN A 372 30.34 -6.37 5.88
C GLN A 372 29.10 -7.18 6.19
N TRP A 373 29.28 -8.30 6.88
CA TRP A 373 28.14 -9.17 7.15
C TRP A 373 28.42 -10.11 8.32
N ILE A 374 27.34 -10.65 8.87
CA ILE A 374 27.37 -11.59 9.99
C ILE A 374 26.35 -12.68 9.71
N CYS A 375 26.81 -13.91 9.51
CA CYS A 375 25.90 -15.04 9.49
C CYS A 375 25.41 -15.28 10.93
N CYS A 376 24.12 -15.20 11.14
CA CYS A 376 23.59 -15.35 12.49
C CYS A 376 22.13 -15.74 12.43
N ASP A 377 21.58 -16.03 13.59
CA ASP A 377 20.15 -16.07 13.80
C ASP A 377 19.80 -14.72 14.41
N ILE A 378 19.04 -13.92 13.69
CA ILE A 378 18.79 -12.55 14.12
C ILE A 378 18.02 -12.53 15.43
N ARG A 379 17.33 -13.63 15.75
CA ARG A 379 16.61 -13.71 17.01
C ARG A 379 17.54 -13.68 18.21
N TYR A 380 18.76 -14.21 18.05
CA TYR A 380 19.64 -14.47 19.18
C TYR A 380 20.89 -13.62 19.20
N LEU A 381 21.23 -12.93 18.11
CA LEU A 381 22.39 -12.08 18.12
C LEU A 381 22.18 -10.87 19.02
N ASP A 382 23.21 -10.51 19.77
CA ASP A 382 23.19 -9.29 20.58
C ASP A 382 23.49 -8.12 19.66
N VAL A 383 22.44 -7.53 19.06
CA VAL A 383 22.66 -6.49 18.06
C VAL A 383 23.23 -5.20 18.65
N SER A 384 23.33 -5.09 19.98
CA SER A 384 23.83 -3.86 20.58
C SER A 384 25.31 -3.63 20.32
N ILE A 385 26.05 -4.66 19.87
CA ILE A 385 27.45 -4.46 19.54
C ILE A 385 27.65 -3.73 18.22
N LEU A 386 26.58 -3.57 17.44
CA LEU A 386 26.70 -3.05 16.08
C LEU A 386 26.70 -1.52 16.02
N GLY A 387 26.21 -0.84 17.05
CA GLY A 387 26.13 0.61 17.00
C GLY A 387 24.83 1.09 16.40
N LYS A 388 24.83 2.36 15.99
CA LYS A 388 23.62 3.01 15.51
C LYS A 388 23.73 3.26 14.01
N PHE A 389 22.57 3.25 13.35
CA PHE A 389 22.53 3.30 11.89
C PHE A 389 21.55 4.36 11.41
N ALA A 390 21.95 5.06 10.34
CA ALA A 390 21.08 6.02 9.70
C ALA A 390 19.87 5.34 9.06
N VAL A 391 20.05 4.12 8.55
CA VAL A 391 18.96 3.39 7.90
C VAL A 391 18.99 1.93 8.33
N VAL A 392 17.80 1.40 8.60
CA VAL A 392 17.59 -0.04 8.75
C VAL A 392 16.68 -0.51 7.63
N MET A 393 17.01 -1.63 6.99
CA MET A 393 16.12 -2.29 6.03
C MET A 393 15.99 -3.75 6.40
N ALA A 394 14.77 -4.28 6.28
CA ALA A 394 14.50 -5.68 6.60
C ALA A 394 13.53 -6.29 5.59
N ASP A 395 13.78 -7.55 5.23
CA ASP A 395 12.85 -8.32 4.39
C ASP A 395 12.51 -9.60 5.14
N PRO A 396 11.65 -9.51 6.15
CA PRO A 396 11.56 -10.60 7.14
C PRO A 396 10.82 -11.79 6.59
N PRO A 397 11.11 -12.99 7.07
CA PRO A 397 10.33 -14.20 6.73
C PRO A 397 9.02 -14.27 7.51
N TRP A 398 8.07 -13.41 7.13
CA TRP A 398 6.79 -13.35 7.81
C TRP A 398 6.10 -14.70 7.74
N ASP A 399 5.24 -14.97 8.74
CA ASP A 399 4.48 -16.22 8.81
C ASP A 399 3.11 -15.99 8.20
N ILE A 400 3.05 -16.07 6.88
CA ILE A 400 1.80 -15.83 6.18
C ILE A 400 1.37 -17.07 5.44
N GLY A 407 11.17 -21.57 6.65
CA GLY A 407 11.98 -20.96 7.70
C GLY A 407 11.50 -19.57 8.09
N THR A 408 10.41 -19.51 8.85
CA THR A 408 9.77 -18.25 9.17
C THR A 408 9.93 -17.89 10.65
N LEU A 409 9.42 -16.71 10.98
CA LEU A 409 9.38 -16.19 12.33
C LEU A 409 7.93 -15.97 12.70
N THR A 410 7.56 -16.37 13.92
CA THR A 410 6.22 -16.10 14.38
C THR A 410 6.02 -14.61 14.59
N ASP A 411 4.76 -14.21 14.75
CA ASP A 411 4.49 -12.80 14.97
C ASP A 411 5.12 -12.30 16.27
N ASP A 412 5.18 -13.13 17.32
CA ASP A 412 5.81 -12.68 18.56
C ASP A 412 7.32 -12.50 18.40
N GLU A 413 7.98 -13.43 17.69
CA GLU A 413 9.41 -13.27 17.43
C GLU A 413 9.68 -12.00 16.64
N MET A 414 8.88 -11.74 15.60
CA MET A 414 9.00 -10.48 14.89
C MET A 414 8.81 -9.31 15.83
N ARG A 415 7.77 -9.35 16.67
CA ARG A 415 7.53 -8.25 17.60
C ARG A 415 8.69 -8.10 18.58
N ARG A 416 9.28 -9.21 19.01
CA ARG A 416 10.32 -9.17 20.03
C ARG A 416 11.69 -8.74 19.47
N LEU A 417 11.86 -8.68 18.15
CA LEU A 417 13.18 -8.36 17.62
C LEU A 417 13.65 -7.03 18.20
N ASN A 418 14.94 -6.96 18.51
CA ASN A 418 15.48 -5.78 19.17
C ASN A 418 15.85 -4.67 18.17
N ILE A 419 14.90 -4.34 17.31
CA ILE A 419 15.06 -3.17 16.42
C ILE A 419 15.31 -1.88 17.19
N PRO A 420 14.63 -1.58 18.30
CA PRO A 420 14.79 -0.26 18.95
C PRO A 420 16.22 0.17 19.25
N VAL A 421 17.15 -0.75 19.46
CA VAL A 421 18.50 -0.30 19.78
C VAL A 421 19.27 0.11 18.53
N LEU A 422 18.82 -0.32 17.35
CA LEU A 422 19.62 -0.10 16.14
C LEU A 422 19.72 1.37 15.74
N GLN A 423 18.76 2.22 16.14
CA GLN A 423 18.76 3.60 15.67
C GLN A 423 18.41 4.59 16.77
N ASP A 424 18.92 5.81 16.62
CA ASP A 424 18.46 6.98 17.37
C ASP A 424 17.59 7.90 16.54
N ASP A 425 18.08 8.33 15.39
CA ASP A 425 17.30 9.17 14.47
C ASP A 425 17.56 8.63 13.08
N GLY A 426 16.52 8.10 12.45
CA GLY A 426 16.71 7.60 11.10
C GLY A 426 15.46 6.94 10.57
N PHE A 427 15.66 6.20 9.49
CA PHE A 427 14.56 5.62 8.74
C PHE A 427 14.66 4.10 8.72
N LEU A 428 13.49 3.46 8.67
CA LEU A 428 13.34 2.02 8.57
C LEU A 428 12.59 1.66 7.30
N PHE A 429 13.12 0.70 6.54
CA PHE A 429 12.47 0.17 5.34
C PHE A 429 12.04 -1.28 5.60
N LEU A 430 10.73 -1.55 5.50
CA LEU A 430 10.15 -2.82 5.95
C LEU A 430 9.32 -3.45 4.83
N TRP A 431 9.84 -4.50 4.21
CA TRP A 431 9.09 -5.16 3.16
C TRP A 431 7.96 -5.96 3.76
N VAL A 432 6.79 -5.89 3.12
CA VAL A 432 5.57 -6.54 3.59
C VAL A 432 4.82 -7.09 2.39
N THR A 433 4.10 -8.18 2.61
CA THR A 433 3.14 -8.76 1.69
C THR A 433 2.00 -9.32 2.52
N GLY A 434 0.84 -9.49 1.90
CA GLY A 434 -0.28 -10.16 2.56
C GLY A 434 -0.62 -9.54 3.89
N ARG A 435 -0.87 -10.39 4.89
CA ARG A 435 -1.28 -9.85 6.19
C ARG A 435 -0.14 -9.15 6.92
N ALA A 436 1.11 -9.32 6.47
CA ALA A 436 2.20 -8.54 6.99
C ALA A 436 2.06 -7.05 6.64
N MET A 437 1.20 -6.70 5.69
CA MET A 437 0.90 -5.29 5.49
C MET A 437 0.36 -4.67 6.76
N GLU A 438 -0.46 -5.41 7.49
CA GLU A 438 -0.95 -4.97 8.79
C GLU A 438 0.05 -5.28 9.90
N LEU A 439 0.55 -6.53 9.95
CA LEU A 439 1.45 -6.89 11.05
C LEU A 439 2.72 -6.06 11.01
N GLY A 440 3.23 -5.76 9.81
CA GLY A 440 4.42 -4.92 9.72
C GLY A 440 4.20 -3.51 10.23
N ARG A 441 3.00 -2.96 10.02
CA ARG A 441 2.66 -1.69 10.65
C ARG A 441 2.65 -1.81 12.16
N GLU A 442 2.19 -2.96 12.68
CA GLU A 442 2.18 -3.19 14.11
C GLU A 442 3.60 -3.19 14.66
N CYS A 443 4.48 -3.99 14.06
CA CYS A 443 5.89 -4.02 14.46
C CYS A 443 6.52 -2.65 14.30
N LEU A 444 6.23 -1.99 13.18
CA LEU A 444 6.75 -0.66 12.95
C LEU A 444 6.49 0.22 14.15
N ASN A 445 5.22 0.31 14.56
CA ASN A 445 4.87 1.18 15.67
C ASN A 445 5.42 0.65 16.99
N LEU A 446 5.33 -0.68 17.21
CA LEU A 446 5.88 -1.26 18.45
C LEU A 446 7.34 -0.90 18.64
N TRP A 447 8.14 -1.01 17.58
CA TRP A 447 9.55 -0.66 17.64
C TRP A 447 9.82 0.83 17.79
N GLY A 448 8.79 1.67 17.71
CA GLY A 448 8.97 3.11 17.89
C GLY A 448 9.07 3.94 16.63
N TYR A 449 8.63 3.43 15.49
CA TYR A 449 8.61 4.22 14.26
C TYR A 449 7.20 4.73 13.97
N GLU A 450 7.14 5.83 13.23
CA GLU A 450 5.92 6.29 12.57
C GLU A 450 6.08 6.00 11.07
N ARG A 451 5.07 5.35 10.47
CA ARG A 451 5.13 5.09 9.02
C ARG A 451 4.87 6.39 8.27
N VAL A 452 5.85 6.85 7.50
CA VAL A 452 5.74 8.12 6.78
C VAL A 452 5.76 7.96 5.27
N ASP A 453 6.00 6.76 4.74
CA ASP A 453 5.96 6.58 3.29
C ASP A 453 5.76 5.10 3.01
N GLU A 454 5.53 4.80 1.74
CA GLU A 454 5.31 3.42 1.35
C GLU A 454 5.76 3.26 -0.09
N ILE A 455 6.88 2.59 -0.28
CA ILE A 455 7.41 2.35 -1.61
C ILE A 455 6.64 1.19 -2.22
N ILE A 456 6.38 1.29 -3.52
CA ILE A 456 5.76 0.23 -4.30
C ILE A 456 6.76 -0.20 -5.36
N TRP A 457 7.08 -1.49 -5.41
CA TRP A 457 7.91 -2.07 -6.46
C TRP A 457 7.02 -2.71 -7.52
N VAL A 458 6.90 -2.08 -8.68
CA VAL A 458 6.17 -2.67 -9.80
C VAL A 458 7.07 -3.70 -10.48
N LYS A 459 6.61 -4.95 -10.48
CA LYS A 459 7.41 -6.06 -10.98
C LYS A 459 7.21 -6.22 -12.48
N THR A 460 8.31 -6.17 -13.23
CA THR A 460 8.29 -6.29 -14.70
C THR A 460 9.21 -7.42 -15.16
N ASN A 461 9.12 -7.74 -16.45
CA ASN A 461 10.06 -8.62 -17.12
C ASN A 461 11.12 -7.79 -17.86
N GLN A 462 11.84 -8.42 -18.79
CA GLN A 462 12.90 -7.69 -19.51
C GLN A 462 12.33 -6.73 -20.53
N LEU A 463 11.06 -6.91 -20.93
CA LEU A 463 10.40 -6.01 -21.87
C LEU A 463 9.57 -4.93 -21.16
N GLN A 464 9.80 -4.73 -19.85
CA GLN A 464 9.13 -3.69 -19.07
C GLN A 464 7.62 -3.84 -19.07
N ARG A 465 7.13 -5.07 -19.10
CA ARG A 465 5.72 -5.37 -18.97
C ARG A 465 5.45 -5.97 -17.61
N ILE A 466 4.28 -5.68 -17.05
CA ILE A 466 3.99 -6.10 -15.69
C ILE A 466 3.87 -7.62 -15.64
N ILE A 467 4.40 -8.20 -14.57
CA ILE A 467 4.25 -9.63 -14.31
C ILE A 467 3.12 -9.92 -13.33
N HIS A 474 -5.47 -13.48 -3.93
CA HIS A 474 -6.59 -14.34 -4.31
C HIS A 474 -7.62 -13.59 -5.17
N TRP A 475 -8.09 -12.44 -4.69
CA TRP A 475 -9.13 -11.72 -5.43
C TRP A 475 -8.60 -11.09 -6.70
N LEU A 476 -7.36 -10.63 -6.65
CA LEU A 476 -6.73 -9.95 -7.76
C LEU A 476 -5.32 -10.52 -7.92
N ASN A 477 -4.83 -10.47 -9.15
CA ASN A 477 -3.43 -10.79 -9.38
C ASN A 477 -2.56 -9.63 -8.90
N HIS A 478 -1.38 -9.96 -8.41
CA HIS A 478 -0.52 -8.99 -7.75
C HIS A 478 0.60 -8.56 -8.69
N GLY A 479 0.66 -7.26 -8.97
CA GLY A 479 1.70 -6.72 -9.80
C GLY A 479 2.77 -5.96 -9.05
N LYS A 480 2.77 -6.01 -7.72
CA LYS A 480 3.63 -5.14 -6.93
C LYS A 480 3.96 -5.81 -5.60
N GLU A 481 4.98 -5.26 -4.95
CA GLU A 481 5.27 -5.55 -3.55
C GLU A 481 5.53 -4.23 -2.84
N HIS A 482 5.21 -4.21 -1.55
CA HIS A 482 5.19 -3.00 -0.74
C HIS A 482 6.36 -2.96 0.22
N CYS A 483 6.89 -1.76 0.45
CA CYS A 483 7.96 -1.51 1.42
C CYS A 483 7.53 -0.34 2.30
N LEU A 484 7.10 -0.61 3.53
CA LEU A 484 6.74 0.46 4.43
C LEU A 484 8.00 1.23 4.83
N VAL A 485 7.86 2.54 5.00
CA VAL A 485 8.95 3.43 5.39
C VAL A 485 8.57 4.09 6.70
N GLY A 486 9.31 3.81 7.76
CA GLY A 486 9.09 4.41 9.07
C GLY A 486 10.20 5.37 9.43
N VAL A 487 9.86 6.38 10.24
CA VAL A 487 10.84 7.31 10.77
C VAL A 487 10.89 7.18 12.29
N LYS A 488 12.10 7.32 12.84
CA LYS A 488 12.31 7.35 14.29
C LYS A 488 13.04 8.64 14.68
N GLY A 489 12.63 9.23 15.79
CA GLY A 489 13.33 10.42 16.26
C GLY A 489 13.18 11.57 15.28
N ASN A 490 14.23 12.36 15.14
CA ASN A 490 14.23 13.50 14.21
C ASN A 490 15.50 13.46 13.38
N PRO A 491 15.46 12.84 12.21
CA PRO A 491 16.66 12.77 11.37
C PRO A 491 16.98 14.11 10.74
N GLN A 492 18.26 14.41 10.64
CA GLN A 492 18.73 15.68 10.10
C GLN A 492 19.77 15.40 9.04
N GLY A 493 19.79 16.21 7.99
CA GLY A 493 20.75 16.03 6.92
C GLY A 493 20.36 14.99 5.89
N PHE A 494 19.12 14.53 5.87
CA PHE A 494 18.73 13.57 4.85
C PHE A 494 18.13 14.34 3.69
N ASN A 495 18.29 13.78 2.50
CA ASN A 495 17.79 14.44 1.29
C ASN A 495 16.43 13.87 0.92
N GLN A 496 15.45 14.21 1.74
CA GLN A 496 14.08 13.79 1.46
C GLN A 496 13.60 14.41 0.15
N GLY A 497 12.89 13.62 -0.67
CA GLY A 497 12.30 14.11 -1.90
C GLY A 497 13.09 13.94 -3.18
N LEU A 498 14.25 13.28 -3.16
CA LEU A 498 14.99 13.09 -4.41
C LEU A 498 14.39 11.99 -5.28
N ASP A 499 13.96 10.89 -4.68
CA ASP A 499 13.34 9.82 -5.45
C ASP A 499 11.83 9.84 -5.22
N CYS A 500 11.12 9.12 -6.07
CA CYS A 500 9.69 8.93 -5.88
C CYS A 500 9.40 7.52 -5.36
N ASP A 501 8.18 7.33 -4.85
CA ASP A 501 7.84 6.14 -4.08
C ASP A 501 7.43 4.95 -4.94
N VAL A 502 7.74 4.96 -6.23
CA VAL A 502 7.43 3.85 -7.11
C VAL A 502 8.74 3.35 -7.72
N ILE A 503 8.98 2.05 -7.63
CA ILE A 503 10.14 1.42 -8.26
C ILE A 503 9.64 0.56 -9.41
N VAL A 504 10.32 0.64 -10.55
CA VAL A 504 10.04 -0.21 -11.70
C VAL A 504 11.33 -0.95 -12.04
N ALA A 505 11.29 -2.27 -11.92
CA ALA A 505 12.51 -3.08 -11.97
C ALA A 505 12.14 -4.54 -12.20
N GLU A 506 13.10 -5.26 -12.79
CA GLU A 506 12.88 -6.65 -13.21
C GLU A 506 12.75 -7.58 -12.01
N VAL A 507 11.89 -8.59 -12.15
CA VAL A 507 11.88 -9.71 -11.20
C VAL A 507 13.09 -10.60 -11.45
N ARG A 508 13.69 -11.11 -10.37
CA ARG A 508 14.80 -12.04 -10.47
C ARG A 508 14.48 -13.34 -9.71
N SER A 509 15.45 -13.91 -9.01
CA SER A 509 15.12 -15.07 -8.18
C SER A 509 14.07 -14.69 -7.14
N THR A 510 13.43 -15.70 -6.57
CA THR A 510 12.28 -15.43 -5.73
C THR A 510 12.72 -14.87 -4.38
N SER A 511 11.93 -13.93 -3.87
CA SER A 511 12.19 -13.14 -2.67
C SER A 511 13.35 -12.17 -2.85
N HIS A 512 13.90 -12.04 -4.07
CA HIS A 512 15.03 -11.15 -4.30
C HIS A 512 14.54 -9.75 -4.66
N LYS A 513 14.63 -8.82 -3.71
CA LYS A 513 14.17 -7.45 -3.94
C LYS A 513 15.11 -6.74 -4.93
N PRO A 514 14.64 -5.63 -5.55
CA PRO A 514 15.46 -4.95 -6.55
C PRO A 514 16.60 -4.14 -5.96
N ASP A 515 17.73 -4.11 -6.67
CA ASP A 515 18.91 -3.37 -6.22
C ASP A 515 18.71 -1.87 -6.23
N GLU A 516 17.73 -1.36 -6.99
CA GLU A 516 17.50 0.08 -7.03
C GLU A 516 17.28 0.67 -5.63
N ILE A 517 16.78 -0.11 -4.66
CA ILE A 517 16.50 0.44 -3.32
C ILE A 517 17.78 0.97 -2.67
N TYR A 518 18.93 0.32 -2.94
CA TYR A 518 20.19 0.79 -2.34
C TYR A 518 20.60 2.14 -2.91
N GLY A 519 20.28 2.39 -4.18
CA GLY A 519 20.55 3.70 -4.75
C GLY A 519 19.66 4.78 -4.15
N MET A 520 18.36 4.49 -4.04
CA MET A 520 17.43 5.41 -3.40
C MET A 520 17.88 5.72 -1.98
N ILE A 521 18.35 4.69 -1.27
CA ILE A 521 18.72 4.87 0.13
C ILE A 521 20.04 5.62 0.23
N GLU A 522 20.99 5.34 -0.67
CA GLU A 522 22.24 6.07 -0.67
C GLU A 522 22.02 7.55 -0.96
N ARG A 523 21.22 7.87 -1.98
CA ARG A 523 20.95 9.29 -2.24
C ARG A 523 20.20 9.93 -1.08
N LEU A 524 19.34 9.17 -0.41
CA LEU A 524 18.63 9.74 0.73
C LEU A 524 19.58 10.09 1.86
N SER A 525 20.59 9.25 2.08
CA SER A 525 21.46 9.36 3.26
C SER A 525 22.85 8.90 2.87
N PRO A 526 23.61 9.75 2.19
CA PRO A 526 24.90 9.30 1.61
C PRO A 526 26.02 9.16 2.62
N GLY A 527 26.77 8.07 2.49
CA GLY A 527 27.96 7.83 3.30
C GLY A 527 27.72 7.34 4.72
N THR A 528 26.48 7.31 5.20
CA THR A 528 26.15 6.90 6.57
C THR A 528 26.11 5.37 6.69
N ARG A 529 26.17 4.88 7.94
CA ARG A 529 26.06 3.45 8.23
C ARG A 529 24.63 2.94 8.07
N LYS A 530 24.51 1.77 7.47
CA LYS A 530 23.22 1.13 7.24
C LYS A 530 23.28 -0.34 7.62
N ILE A 531 22.15 -0.90 7.98
CA ILE A 531 22.08 -2.30 8.39
C ILE A 531 20.90 -2.96 7.70
N GLU A 532 21.13 -4.17 7.15
CA GLU A 532 20.10 -4.97 6.53
C GLU A 532 19.89 -6.24 7.36
N LEU A 533 18.63 -6.54 7.65
CA LEU A 533 18.26 -7.75 8.36
C LEU A 533 17.63 -8.73 7.40
N PHE A 534 18.02 -10.00 7.51
CA PHE A 534 17.48 -11.08 6.71
C PHE A 534 17.94 -10.96 5.27
N GLY A 535 19.12 -10.37 5.07
CA GLY A 535 19.73 -10.35 3.76
C GLY A 535 20.40 -11.66 3.41
N ARG A 536 20.65 -11.83 2.12
CA ARG A 536 21.34 -12.98 1.56
C ARG A 536 22.64 -12.46 0.94
N PRO A 537 23.56 -13.33 0.55
CA PRO A 537 24.86 -12.85 0.05
C PRO A 537 24.78 -11.78 -1.02
N HIS A 538 23.80 -11.83 -1.94
CA HIS A 538 23.72 -10.80 -2.96
C HIS A 538 23.32 -9.42 -2.42
N ASN A 539 22.85 -9.34 -1.17
CA ASN A 539 22.42 -8.08 -0.61
C ASN A 539 23.57 -7.26 -0.04
N VAL A 540 24.76 -7.83 0.10
CA VAL A 540 25.85 -7.09 0.74
C VAL A 540 26.27 -5.95 -0.17
N GLN A 541 26.51 -4.79 0.43
CA GLN A 541 26.71 -3.54 -0.28
C GLN A 541 27.71 -2.71 0.51
N PRO A 542 28.43 -1.79 -0.15
CA PRO A 542 29.25 -0.85 0.60
C PRO A 542 28.38 0.00 1.51
N ASN A 543 28.95 0.40 2.65
CA ASN A 543 28.30 1.15 3.72
C ASN A 543 27.27 0.33 4.49
N TRP A 544 27.02 -0.92 4.11
CA TRP A 544 25.99 -1.74 4.75
C TRP A 544 26.60 -2.89 5.57
N ILE A 545 25.97 -3.22 6.68
CA ILE A 545 26.22 -4.45 7.42
C ILE A 545 25.01 -5.35 7.20
N THR A 546 25.24 -6.56 6.71
CA THR A 546 24.15 -7.48 6.37
C THR A 546 24.07 -8.60 7.40
N LEU A 547 22.86 -8.89 7.89
CA LEU A 547 22.64 -10.02 8.80
C LEU A 547 21.64 -10.98 8.18
N GLY A 548 21.91 -12.28 8.33
CA GLY A 548 21.06 -13.30 7.76
C GLY A 548 21.68 -14.66 8.01
N ASN A 549 20.84 -15.69 7.89
CA ASN A 549 21.38 -17.00 8.25
C ASN A 549 21.87 -17.78 7.04
N GLN A 550 21.85 -17.20 5.84
CA GLN A 550 22.39 -17.77 4.62
C GLN A 550 23.64 -17.05 4.14
N LEU A 551 24.25 -16.22 4.98
CA LEU A 551 25.53 -15.62 4.65
C LEU A 551 26.63 -16.60 5.02
N ASP A 552 27.78 -16.39 4.39
CA ASP A 552 28.97 -17.22 4.59
C ASP A 552 29.85 -16.54 5.63
N GLY A 553 29.75 -17.03 6.87
CA GLY A 553 30.67 -16.60 7.90
C GLY A 553 30.42 -15.18 8.40
N ILE A 554 31.51 -14.55 8.85
CA ILE A 554 31.50 -13.26 9.56
C ILE A 554 32.60 -12.41 8.95
N HIS A 555 32.21 -11.34 8.25
CA HIS A 555 33.15 -10.43 7.60
C HIS A 555 32.95 -9.02 8.15
N LEU A 556 33.80 -8.63 9.11
CA LEU A 556 33.67 -7.34 9.76
C LEU A 556 34.96 -6.53 9.61
N LEU A 557 34.83 -5.24 9.34
CA LEU A 557 35.97 -4.40 9.00
C LEU A 557 36.02 -3.14 9.86
N ASP A 558 34.86 -2.67 10.31
CA ASP A 558 34.80 -1.50 11.17
C ASP A 558 35.45 -1.80 12.51
N PRO A 559 36.49 -1.06 12.92
CA PRO A 559 37.17 -1.39 14.18
C PRO A 559 36.28 -1.35 15.41
N ASP A 560 35.39 -0.36 15.52
CA ASP A 560 34.49 -0.32 16.67
C ASP A 560 33.61 -1.57 16.72
N VAL A 561 33.25 -2.11 15.57
CA VAL A 561 32.40 -3.28 15.55
C VAL A 561 33.18 -4.55 15.90
N VAL A 562 34.36 -4.73 15.28
CA VAL A 562 35.14 -5.93 15.59
C VAL A 562 35.54 -5.94 17.07
N ALA A 563 35.86 -4.76 17.61
CA ALA A 563 36.09 -4.63 19.04
C ALA A 563 34.91 -5.18 19.84
N ARG A 564 33.75 -4.57 19.69
CA ARG A 564 32.62 -5.00 20.51
C ARG A 564 32.20 -6.42 20.17
N PHE A 565 32.46 -6.89 18.96
CA PHE A 565 32.13 -8.29 18.65
C PHE A 565 33.05 -9.23 19.42
N LYS A 566 34.35 -8.93 19.45
CA LYS A 566 35.28 -9.77 20.20
C LYS A 566 34.94 -9.77 21.69
N GLN A 567 34.66 -8.59 22.26
CA GLN A 567 34.29 -8.54 23.68
C GLN A 567 33.04 -9.36 23.96
N ARG A 568 31.97 -9.17 23.18
CA ARG A 568 30.73 -9.88 23.45
C ARG A 568 30.85 -11.35 23.07
N TYR A 569 31.63 -11.66 22.03
CA TYR A 569 31.76 -13.02 21.50
C TYR A 569 33.23 -13.40 21.41
N PRO A 570 33.91 -13.56 22.55
CA PRO A 570 35.37 -13.83 22.50
C PRO A 570 35.77 -15.09 21.76
N ASP A 571 34.90 -16.10 21.67
CA ASP A 571 35.22 -17.31 20.93
C ASP A 571 34.39 -17.47 19.65
N GLY A 572 33.77 -16.39 19.17
CA GLY A 572 32.73 -16.56 18.19
C GLY A 572 31.48 -17.13 18.85
N ILE A 573 30.73 -17.93 18.07
CA ILE A 573 29.57 -18.69 18.56
C ILE A 573 28.43 -17.77 18.97
N ILE A 574 27.29 -17.89 18.28
CA ILE A 574 26.14 -17.04 18.53
C ILE A 574 24.90 -17.90 18.78
N SER A 575 24.92 -18.68 19.86
CA SER A 575 23.83 -19.58 20.21
C SER A 575 23.00 -18.99 21.34
N LYS A 576 21.88 -19.64 21.63
CA LYS A 576 20.96 -19.26 22.69
C LYS A 576 20.46 -17.82 22.55
N ASN B 117 18.38 -0.97 -17.04
CA ASN B 117 18.62 0.39 -16.58
C ASN B 117 17.94 0.64 -15.21
N ASP B 118 18.39 1.69 -14.52
CA ASP B 118 17.87 2.07 -13.20
C ASP B 118 16.93 3.27 -13.39
N TYR B 119 15.62 3.02 -13.33
CA TYR B 119 14.66 4.10 -13.55
C TYR B 119 14.56 5.06 -12.37
N CYS B 120 14.97 4.62 -11.17
CA CYS B 120 15.06 5.53 -10.03
C CYS B 120 16.10 6.60 -10.30
N GLN B 121 17.29 6.18 -10.69
CA GLN B 121 18.34 7.09 -11.13
C GLN B 121 17.86 7.97 -12.27
N HIS B 122 17.22 7.36 -13.26
CA HIS B 122 16.73 8.14 -14.39
C HIS B 122 15.78 9.24 -13.94
N PHE B 123 14.90 8.93 -12.97
CA PHE B 123 13.99 9.95 -12.46
C PHE B 123 14.75 11.09 -11.78
N VAL B 124 15.82 10.74 -11.05
CA VAL B 124 16.60 11.80 -10.41
C VAL B 124 17.26 12.67 -11.47
N ASP B 125 17.64 12.08 -12.60
CA ASP B 125 18.33 12.80 -13.67
C ASP B 125 17.38 13.67 -14.49
N THR B 126 16.20 13.16 -14.83
CA THR B 126 15.33 13.77 -15.83
C THR B 126 14.00 14.26 -15.30
N GLY B 127 13.47 13.70 -14.21
CA GLY B 127 12.13 14.02 -13.77
C GLY B 127 11.04 13.12 -14.33
N HIS B 128 11.39 12.15 -15.17
CA HIS B 128 10.44 11.15 -15.65
C HIS B 128 10.28 10.04 -14.61
N ARG B 129 9.08 9.94 -14.04
CA ARG B 129 8.80 8.91 -13.05
C ARG B 129 9.03 7.51 -13.63
N PRO B 130 9.53 6.57 -12.82
CA PRO B 130 9.78 5.21 -13.34
C PRO B 130 8.58 4.59 -14.02
N GLN B 131 7.37 4.84 -13.52
CA GLN B 131 6.17 4.27 -14.11
C GLN B 131 5.91 4.82 -15.52
N ASN B 132 6.55 5.92 -15.91
CA ASN B 132 6.42 6.41 -17.27
C ASN B 132 6.84 5.34 -18.27
N PHE B 133 7.71 4.42 -17.87
CA PHE B 133 8.34 3.50 -18.81
C PHE B 133 7.74 2.11 -18.78
N ILE B 134 6.68 1.89 -18.01
CA ILE B 134 5.96 0.62 -18.11
C ILE B 134 5.28 0.54 -19.46
N ARG B 135 5.31 -0.63 -20.07
CA ARG B 135 4.74 -0.82 -21.40
C ARG B 135 3.43 -1.59 -21.35
N ASP B 136 2.57 -1.30 -22.31
CA ASP B 136 1.35 -2.08 -22.57
C ASP B 136 0.37 -1.99 -21.41
N VAL B 137 0.09 -0.74 -21.01
CA VAL B 137 -0.89 -0.33 -19.98
C VAL B 137 -0.47 1.03 -19.47
N GLU B 151 -9.86 -11.51 -25.16
CA GLU B 151 -10.49 -12.59 -25.91
C GLU B 151 -11.84 -12.94 -25.24
N LEU B 152 -12.90 -12.26 -25.68
CA LEU B 152 -14.25 -12.49 -25.16
C LEU B 152 -14.29 -12.43 -23.63
N ILE B 153 -13.47 -11.56 -23.04
CA ILE B 153 -13.68 -11.12 -21.65
C ILE B 153 -14.53 -9.87 -21.75
N ARG B 154 -15.11 -9.66 -22.94
CA ARG B 154 -16.10 -8.63 -23.15
C ARG B 154 -17.50 -9.14 -22.89
N LEU B 155 -17.77 -10.43 -23.15
CA LEU B 155 -19.07 -11.00 -22.82
C LEU B 155 -19.36 -10.87 -21.34
N LYS B 156 -18.33 -10.97 -20.50
CA LYS B 156 -18.51 -10.66 -19.08
C LYS B 156 -18.97 -9.21 -18.91
N ASP B 157 -18.33 -8.27 -19.62
CA ASP B 157 -18.71 -6.88 -19.51
C ASP B 157 -20.14 -6.65 -19.98
N GLU B 158 -20.59 -7.40 -20.99
CA GLU B 158 -21.94 -7.19 -21.49
C GLU B 158 -22.98 -7.77 -20.55
N LEU B 159 -22.64 -8.85 -19.84
CA LEU B 159 -23.56 -9.37 -18.83
C LEU B 159 -23.70 -8.38 -17.67
N ILE B 160 -22.58 -7.78 -17.24
CA ILE B 160 -22.64 -6.70 -16.27
C ILE B 160 -23.61 -5.63 -16.73
N ALA B 161 -23.52 -5.24 -18.01
CA ALA B 161 -24.33 -4.12 -18.50
C ALA B 161 -25.81 -4.43 -18.49
N LYS B 162 -26.20 -5.67 -18.85
CA LYS B 162 -27.61 -6.03 -18.86
C LYS B 162 -28.18 -6.22 -17.46
N SER B 163 -27.35 -6.68 -16.52
CA SER B 163 -27.80 -6.88 -15.16
C SER B 163 -27.87 -5.58 -14.37
N ASN B 164 -27.19 -4.52 -14.83
CA ASN B 164 -27.09 -3.27 -14.09
C ASN B 164 -28.45 -2.66 -13.86
N THR B 165 -28.72 -2.23 -12.62
CA THR B 165 -29.87 -1.40 -12.31
C THR B 165 -29.74 -0.05 -13.01
N PRO B 166 -30.84 0.68 -13.19
CA PRO B 166 -30.72 2.05 -13.66
C PRO B 166 -29.88 2.86 -12.68
N PRO B 167 -29.18 3.87 -13.17
CA PRO B 167 -28.40 4.70 -12.23
C PRO B 167 -29.33 5.41 -11.25
N MET B 168 -28.96 5.38 -9.98
CA MET B 168 -29.70 6.13 -8.99
C MET B 168 -28.74 6.98 -8.18
N TYR B 169 -29.26 8.10 -7.70
CA TYR B 169 -28.38 9.10 -7.13
C TYR B 169 -29.18 9.96 -6.18
N LEU B 170 -28.51 10.46 -5.14
CA LEU B 170 -29.15 11.28 -4.12
C LEU B 170 -28.17 12.35 -3.63
N GLN B 171 -28.58 13.61 -3.72
CA GLN B 171 -27.84 14.67 -3.04
C GLN B 171 -28.06 14.57 -1.54
N ALA B 172 -26.97 14.56 -0.78
CA ALA B 172 -27.05 14.46 0.66
C ALA B 172 -25.75 14.98 1.25
N ASP B 173 -25.86 15.83 2.26
CA ASP B 173 -24.69 16.29 3.00
C ASP B 173 -24.40 15.22 4.05
N ILE B 174 -23.43 14.35 3.77
CA ILE B 174 -23.22 13.13 4.52
C ILE B 174 -22.81 13.39 5.97
N GLU B 175 -22.21 14.56 6.28
CA GLU B 175 -21.97 14.91 7.68
C GLU B 175 -23.28 14.92 8.47
N ALA B 176 -24.35 15.43 7.86
CA ALA B 176 -25.61 15.69 8.52
C ALA B 176 -26.65 14.62 8.27
N PHE B 177 -26.30 13.54 7.58
CA PHE B 177 -27.28 12.65 6.98
C PHE B 177 -27.19 11.29 7.64
N ASP B 178 -28.27 10.86 8.27
CA ASP B 178 -28.32 9.53 8.87
C ASP B 178 -28.27 8.51 7.74
N ILE B 179 -27.11 7.87 7.56
CA ILE B 179 -26.94 6.95 6.44
C ILE B 179 -27.87 5.74 6.55
N ARG B 180 -28.47 5.49 7.71
CA ARG B 180 -29.38 4.36 7.84
C ARG B 180 -30.58 4.50 6.91
N GLU B 181 -30.85 5.71 6.39
CA GLU B 181 -31.93 5.89 5.43
C GLU B 181 -31.60 5.28 4.08
N LEU B 182 -30.33 4.94 3.84
CA LEU B 182 -29.95 4.28 2.60
C LEU B 182 -30.17 2.79 2.77
N THR B 183 -31.20 2.28 2.10
CA THR B 183 -31.58 0.88 2.17
C THR B 183 -31.79 0.35 0.77
N PRO B 184 -31.73 -0.98 0.57
CA PRO B 184 -31.42 -2.06 1.53
C PRO B 184 -29.94 -2.07 1.86
N LYS B 185 -29.44 -3.14 2.48
CA LYS B 185 -28.03 -3.20 2.81
C LYS B 185 -27.23 -3.52 1.56
N PHE B 186 -26.04 -2.93 1.46
CA PHE B 186 -25.27 -2.97 0.22
C PHE B 186 -24.32 -4.16 0.13
N ASP B 187 -24.16 -4.68 -1.09
CA ASP B 187 -23.15 -5.69 -1.36
C ASP B 187 -21.77 -5.08 -1.60
N VAL B 188 -21.71 -3.87 -2.15
CA VAL B 188 -20.46 -3.17 -2.41
C VAL B 188 -20.58 -1.72 -1.96
N ILE B 189 -19.56 -1.22 -1.26
CA ILE B 189 -19.50 0.19 -0.92
C ILE B 189 -18.18 0.77 -1.42
N LEU B 190 -18.28 1.82 -2.23
CA LEU B 190 -17.13 2.59 -2.70
C LEU B 190 -17.16 3.91 -1.95
N LEU B 191 -16.10 4.18 -1.21
CA LEU B 191 -16.05 5.31 -0.30
C LEU B 191 -14.90 6.21 -0.74
N GLU B 192 -15.23 7.46 -1.04
CA GLU B 192 -14.31 8.39 -1.69
C GLU B 192 -14.34 9.74 -0.99
N PRO B 193 -14.08 9.78 0.32
CA PRO B 193 -14.25 11.04 1.07
C PRO B 193 -13.22 12.06 0.63
N PRO B 194 -13.61 13.32 0.50
CA PRO B 194 -12.67 14.34 -0.01
C PRO B 194 -11.58 14.72 0.97
N LEU B 195 -10.38 14.20 0.76
CA LEU B 195 -9.29 14.47 1.69
C LEU B 195 -8.59 15.77 1.34
N GLU B 196 -8.13 16.47 2.39
CA GLU B 196 -7.43 17.74 2.21
C GLU B 196 -6.28 17.61 1.22
N GLU B 197 -5.56 16.50 1.27
CA GLU B 197 -4.38 16.35 0.43
C GLU B 197 -4.69 16.28 -1.06
N TYR B 198 -5.95 16.01 -1.44
CA TYR B 198 -6.30 16.04 -2.85
C TYR B 198 -6.23 17.44 -3.46
N TYR B 199 -6.14 18.49 -2.63
CA TYR B 199 -6.27 19.88 -3.06
C TYR B 199 -4.96 20.62 -2.79
N ARG B 200 -4.24 20.97 -3.86
CA ARG B 200 -2.94 21.63 -3.73
C ARG B 200 -2.65 22.56 -4.91
N LYS B 209 -16.14 21.40 1.61
CA LYS B 209 -15.54 20.93 2.86
C LYS B 209 -14.72 19.66 2.64
N CYS B 210 -13.52 19.62 3.21
CA CYS B 210 -12.70 18.42 3.21
C CYS B 210 -12.99 17.59 4.46
N TRP B 211 -12.98 16.27 4.30
CA TRP B 211 -13.18 15.33 5.39
C TRP B 211 -11.83 14.90 5.96
N THR B 212 -11.71 14.93 7.27
CA THR B 212 -10.55 14.36 7.93
C THR B 212 -10.77 12.88 8.26
N TRP B 213 -9.70 12.22 8.64
CA TRP B 213 -9.86 10.83 9.04
C TRP B 213 -10.67 10.72 10.34
N ASP B 214 -10.70 11.79 11.13
CA ASP B 214 -11.60 11.83 12.29
C ASP B 214 -13.05 11.73 11.83
N ASP B 215 -13.43 12.55 10.84
CA ASP B 215 -14.78 12.51 10.30
C ASP B 215 -15.09 11.13 9.72
N ILE B 216 -14.20 10.62 8.88
CA ILE B 216 -14.48 9.39 8.16
C ILE B 216 -14.69 8.24 9.12
N MET B 217 -13.79 8.12 10.11
CA MET B 217 -13.85 7.00 11.04
C MET B 217 -15.18 6.94 11.79
N LYS B 218 -15.90 8.07 11.88
CA LYS B 218 -17.15 8.14 12.61
C LYS B 218 -18.37 7.84 11.74
N LEU B 219 -18.19 7.64 10.43
CA LEU B 219 -19.29 7.19 9.61
C LEU B 219 -19.74 5.80 10.05
N GLU B 220 -21.04 5.57 10.03
CA GLU B 220 -21.57 4.32 10.55
C GLU B 220 -21.73 3.32 9.40
N ILE B 221 -20.61 3.05 8.73
CA ILE B 221 -20.62 2.23 7.53
C ILE B 221 -21.15 0.82 7.80
N ASP B 222 -20.91 0.29 9.00
CA ASP B 222 -21.40 -1.05 9.34
C ASP B 222 -22.92 -1.11 9.47
N GLU B 223 -23.58 0.03 9.58
CA GLU B 223 -25.03 0.02 9.70
C GLU B 223 -25.75 -0.14 8.36
N ILE B 224 -25.05 0.00 7.23
CA ILE B 224 -25.66 -0.20 5.91
C ILE B 224 -24.96 -1.29 5.10
N ALA B 225 -23.99 -1.99 5.66
CA ALA B 225 -23.29 -3.01 4.88
C ALA B 225 -23.99 -4.34 5.06
N ALA B 226 -24.10 -5.13 3.98
CA ALA B 226 -24.68 -6.45 4.12
C ALA B 226 -23.75 -7.33 4.95
N PRO B 227 -24.29 -8.38 5.60
CA PRO B 227 -23.41 -9.24 6.43
C PRO B 227 -22.24 -9.82 5.66
N ARG B 228 -22.43 -10.20 4.39
CA ARG B 228 -21.32 -10.47 3.48
C ARG B 228 -21.31 -9.33 2.46
N SER B 229 -20.24 -8.54 2.47
CA SER B 229 -20.18 -7.39 1.58
C SER B 229 -18.73 -6.94 1.45
N PHE B 230 -18.52 -5.89 0.65
CA PHE B 230 -17.19 -5.42 0.28
C PHE B 230 -17.13 -3.91 0.33
N ILE B 231 -15.98 -3.40 0.70
CA ILE B 231 -15.73 -1.97 0.71
C ILE B 231 -14.50 -1.69 -0.14
N PHE B 232 -14.51 -0.58 -0.86
CA PHE B 232 -13.35 -0.05 -1.56
C PHE B 232 -13.17 1.38 -1.05
N LEU B 233 -12.09 1.62 -0.33
CA LEU B 233 -11.90 2.89 0.36
C LEU B 233 -10.67 3.59 -0.21
N TRP B 234 -10.87 4.75 -0.81
CA TRP B 234 -9.78 5.58 -1.31
C TRP B 234 -9.09 6.25 -0.11
N CYS B 235 -7.77 6.02 0.03
CA CYS B 235 -7.01 6.43 1.22
C CYS B 235 -5.93 7.45 0.92
N GLY B 236 -5.72 7.80 -0.33
CA GLY B 236 -4.67 8.74 -0.66
C GLY B 236 -3.31 8.09 -0.60
N SER B 237 -2.34 8.80 -0.04
CA SER B 237 -0.98 8.29 0.05
C SER B 237 -0.30 8.66 1.35
N GLY B 238 -0.97 9.32 2.27
CA GLY B 238 -0.32 9.71 3.50
C GLY B 238 -0.80 8.87 4.66
N GLU B 239 -1.15 9.52 5.76
CA GLU B 239 -1.64 8.83 6.95
C GLU B 239 -2.89 8.00 6.68
N GLY B 240 -3.61 8.30 5.60
CA GLY B 240 -4.77 7.48 5.27
C GLY B 240 -4.44 6.01 5.04
N LEU B 241 -3.21 5.69 4.64
CA LEU B 241 -2.88 4.28 4.45
C LEU B 241 -2.95 3.52 5.76
N ASP B 242 -2.77 4.22 6.87
CA ASP B 242 -2.90 3.64 8.20
C ASP B 242 -4.29 3.83 8.77
N LEU B 243 -4.82 5.07 8.75
CA LEU B 243 -6.14 5.32 9.32
C LEU B 243 -7.25 4.65 8.53
N GLY B 244 -7.07 4.44 7.22
CA GLY B 244 -8.06 3.67 6.48
C GLY B 244 -8.11 2.21 6.87
N ARG B 245 -6.98 1.63 7.27
CA ARG B 245 -7.02 0.27 7.77
C ARG B 245 -7.76 0.21 9.11
N VAL B 246 -7.58 1.22 9.96
CA VAL B 246 -8.33 1.31 11.21
C VAL B 246 -9.84 1.39 10.93
N CYS B 247 -10.24 2.25 9.99
CA CYS B 247 -11.65 2.36 9.60
C CYS B 247 -12.21 1.02 9.18
N LEU B 248 -11.49 0.33 8.30
CA LEU B 248 -11.94 -0.96 7.78
C LEU B 248 -12.20 -1.92 8.93
N ARG B 249 -11.25 -2.01 9.88
CA ARG B 249 -11.43 -2.89 11.03
C ARG B 249 -12.55 -2.39 11.94
N LYS B 250 -12.69 -1.07 12.07
CA LYS B 250 -13.76 -0.56 12.91
C LYS B 250 -15.13 -0.94 12.35
N TRP B 251 -15.28 -0.91 11.01
CA TRP B 251 -16.54 -1.23 10.36
C TRP B 251 -16.75 -2.72 10.18
N GLY B 252 -15.78 -3.55 10.57
CA GLY B 252 -15.95 -4.98 10.53
C GLY B 252 -15.36 -5.70 9.34
N TYR B 253 -14.47 -5.07 8.57
CA TYR B 253 -13.86 -5.72 7.43
C TYR B 253 -12.44 -6.14 7.74
N ARG B 254 -11.90 -7.01 6.91
CA ARG B 254 -10.47 -7.25 6.84
C ARG B 254 -9.99 -6.88 5.44
N ARG B 255 -8.79 -6.31 5.34
CA ARG B 255 -8.29 -5.89 4.04
C ARG B 255 -7.84 -7.09 3.21
N CYS B 256 -8.48 -7.35 2.07
CA CYS B 256 -8.01 -8.47 1.27
C CYS B 256 -7.19 -8.07 0.04
N GLU B 257 -7.26 -6.81 -0.40
CA GLU B 257 -6.40 -6.34 -1.49
C GLU B 257 -5.98 -4.91 -1.23
N ASP B 258 -4.87 -4.51 -1.85
CA ASP B 258 -4.37 -3.15 -1.78
C ASP B 258 -4.14 -2.68 -3.21
N ILE B 259 -5.08 -1.92 -3.76
CA ILE B 259 -5.04 -1.48 -5.16
C ILE B 259 -4.37 -0.11 -5.22
N CYS B 260 -3.31 0.01 -6.01
N CYS B 260 -3.31 -0.01 -6.01
CA CYS B 260 -2.52 1.23 -6.09
CA CYS B 260 -2.53 1.22 -6.14
C CYS B 260 -2.71 1.91 -7.44
C CYS B 260 -2.81 1.90 -7.47
N TRP B 261 -3.10 3.19 -7.42
CA TRP B 261 -3.26 4.00 -8.62
C TRP B 261 -1.96 4.74 -8.84
N ILE B 262 -1.22 4.33 -9.86
CA ILE B 262 0.12 4.81 -10.11
C ILE B 262 0.04 5.87 -11.21
N LYS B 263 0.52 7.07 -10.92
CA LYS B 263 0.35 8.22 -11.79
C LYS B 263 1.63 8.52 -12.57
N THR B 264 1.55 8.44 -13.89
CA THR B 264 2.64 8.79 -14.77
C THR B 264 2.66 10.31 -15.00
N ASN B 265 3.83 10.82 -15.37
CA ASN B 265 4.02 12.23 -15.72
C ASN B 265 4.70 12.37 -17.09
N LYS B 266 4.26 11.57 -18.07
CA LYS B 266 4.84 11.64 -19.42
C LYS B 266 4.72 13.04 -20.02
N ASN B 267 3.65 13.75 -19.67
CA ASN B 267 3.42 15.08 -20.21
C ASN B 267 3.95 16.20 -19.34
N ASN B 268 4.59 15.89 -18.20
CA ASN B 268 5.14 16.96 -17.37
C ASN B 268 6.32 16.49 -16.53
N PRO B 269 7.43 16.06 -17.16
CA PRO B 269 8.65 15.60 -16.50
C PRO B 269 9.09 16.48 -15.35
N LEU B 275 4.58 18.55 -1.33
CA LEU B 275 5.46 17.70 -0.51
C LEU B 275 5.10 17.77 0.98
N ASP B 276 4.48 16.68 1.48
CA ASP B 276 4.22 16.54 2.91
C ASP B 276 5.53 16.68 3.69
N PRO B 277 5.50 17.37 4.84
CA PRO B 277 6.75 17.54 5.61
C PRO B 277 7.30 16.24 6.16
N LYS B 278 6.43 15.27 6.45
CA LYS B 278 6.86 13.94 6.88
C LYS B 278 7.36 13.07 5.73
N ALA B 279 7.06 13.44 4.49
CA ALA B 279 7.38 12.58 3.36
C ALA B 279 8.90 12.45 3.17
N VAL B 280 9.32 11.24 2.80
CA VAL B 280 10.71 10.90 2.56
C VAL B 280 10.93 10.91 1.06
N PHE B 281 9.87 10.62 0.31
CA PHE B 281 9.92 10.51 -1.14
C PHE B 281 8.78 11.30 -1.78
N GLN B 282 8.98 11.66 -3.03
CA GLN B 282 7.88 12.23 -3.80
C GLN B 282 6.80 11.18 -3.93
N ARG B 283 5.56 11.58 -3.69
CA ARG B 283 4.44 10.66 -3.73
C ARG B 283 3.80 10.71 -5.11
N THR B 284 3.77 9.55 -5.79
CA THR B 284 3.25 9.50 -7.16
C THR B 284 2.14 8.47 -7.31
N LYS B 285 1.43 8.15 -6.23
CA LYS B 285 0.36 7.17 -6.31
C LYS B 285 -0.63 7.39 -5.19
N GLU B 286 -1.80 6.74 -5.32
CA GLU B 286 -2.84 6.70 -4.30
C GLU B 286 -3.21 5.24 -4.06
N HIS B 287 -3.77 4.94 -2.88
CA HIS B 287 -4.25 3.59 -2.59
C HIS B 287 -5.75 3.53 -2.39
N CYS B 288 -6.35 2.50 -2.97
CA CYS B 288 -7.73 2.14 -2.71
C CYS B 288 -7.75 0.78 -2.03
N LEU B 289 -8.16 0.74 -0.77
CA LEU B 289 -8.14 -0.50 0.00
C LEU B 289 -9.45 -1.24 -0.20
N MET B 290 -9.35 -2.54 -0.44
CA MET B 290 -10.51 -3.39 -0.57
C MET B 290 -10.67 -4.20 0.72
N GLY B 291 -11.84 -4.11 1.33
CA GLY B 291 -12.14 -4.85 2.54
C GLY B 291 -13.28 -5.80 2.28
N ILE B 292 -13.29 -6.91 3.02
CA ILE B 292 -14.31 -7.94 2.95
C ILE B 292 -14.82 -8.24 4.36
N LYS B 293 -16.12 -8.49 4.48
CA LYS B 293 -16.71 -8.92 5.73
C LYS B 293 -17.69 -10.04 5.44
N GLY B 294 -17.82 -10.95 6.40
CA GLY B 294 -18.53 -12.19 6.18
C GLY B 294 -17.64 -13.19 5.49
N THR B 295 -18.29 -14.26 5.01
CA THR B 295 -17.61 -15.19 4.13
C THR B 295 -17.78 -14.73 2.67
N VAL B 309 -9.24 -11.97 -12.86
CA VAL B 309 -8.91 -11.43 -14.18
C VAL B 309 -8.06 -10.15 -14.10
N ASP B 310 -8.29 -9.33 -13.08
CA ASP B 310 -7.65 -8.02 -12.96
C ASP B 310 -6.43 -8.08 -12.04
N ILE B 311 -5.62 -7.04 -12.14
CA ILE B 311 -4.41 -6.89 -11.36
C ILE B 311 -4.61 -5.73 -10.40
N ASP B 312 -3.76 -5.65 -9.37
CA ASP B 312 -3.98 -4.66 -8.31
C ASP B 312 -3.26 -3.35 -8.56
N LEU B 313 -3.15 -2.92 -9.84
CA LEU B 313 -2.57 -1.63 -10.23
C LEU B 313 -3.46 -0.94 -11.27
N ILE B 314 -3.63 0.36 -11.12
CA ILE B 314 -4.21 1.22 -12.15
C ILE B 314 -3.13 2.21 -12.55
N ILE B 315 -2.85 2.32 -13.84
CA ILE B 315 -1.83 3.24 -14.34
C ILE B 315 -2.48 4.23 -15.31
N THR B 316 -2.51 5.50 -14.91
CA THR B 316 -2.94 6.59 -15.79
C THR B 316 -2.00 7.78 -15.57
N GLU B 317 -2.17 8.79 -16.43
CA GLU B 317 -1.39 10.02 -16.28
C GLU B 317 -1.94 10.87 -15.15
N GLU B 318 -1.04 11.53 -14.43
CA GLU B 318 -1.44 12.40 -13.34
C GLU B 318 -2.44 13.44 -13.85
N PRO B 319 -3.60 13.57 -13.24
CA PRO B 319 -4.59 14.52 -13.75
C PRO B 319 -4.19 15.95 -13.48
N GLU B 320 -4.86 16.87 -14.18
CA GLU B 320 -4.62 18.29 -14.02
C GLU B 320 -4.83 18.69 -12.57
N ILE B 321 -4.04 19.66 -12.11
CA ILE B 321 -4.22 20.15 -10.75
C ILE B 321 -5.66 20.65 -10.59
N GLY B 322 -6.22 20.44 -9.40
CA GLY B 322 -7.63 20.73 -9.17
C GLY B 322 -8.58 19.67 -9.65
N ASN B 323 -8.13 18.69 -10.41
CA ASN B 323 -8.95 17.56 -10.81
C ASN B 323 -8.81 16.47 -9.76
N ILE B 324 -9.91 16.19 -9.05
CA ILE B 324 -9.91 15.22 -7.96
C ILE B 324 -10.50 13.89 -8.37
N GLU B 325 -10.86 13.69 -9.64
CA GLU B 325 -11.49 12.44 -10.04
C GLU B 325 -10.55 11.26 -9.86
N LYS B 326 -11.10 10.13 -9.42
CA LYS B 326 -10.32 8.90 -9.44
C LYS B 326 -10.61 8.13 -10.72
N PRO B 327 -9.64 7.35 -11.19
CA PRO B 327 -9.80 6.64 -12.47
C PRO B 327 -11.03 5.75 -12.49
N VAL B 328 -11.80 5.85 -13.58
CA VAL B 328 -12.97 5.02 -13.78
C VAL B 328 -12.63 3.53 -13.83
N GLU B 329 -11.35 3.17 -14.02
CA GLU B 329 -10.95 1.77 -13.98
C GLU B 329 -11.30 1.11 -12.65
N ILE B 330 -11.36 1.88 -11.56
CA ILE B 330 -11.73 1.28 -10.28
C ILE B 330 -13.13 0.67 -10.37
N PHE B 331 -14.00 1.25 -11.19
CA PHE B 331 -15.33 0.67 -11.33
C PHE B 331 -15.26 -0.64 -12.07
N HIS B 332 -14.41 -0.71 -13.09
CA HIS B 332 -14.28 -1.94 -13.86
C HIS B 332 -13.76 -3.06 -12.97
N ILE B 333 -12.76 -2.75 -12.14
CA ILE B 333 -12.25 -3.77 -11.22
C ILE B 333 -13.36 -4.22 -10.27
N ILE B 334 -14.07 -3.28 -9.67
CA ILE B 334 -15.13 -3.68 -8.75
C ILE B 334 -16.18 -4.51 -9.47
N GLU B 335 -16.61 -4.07 -10.67
CA GLU B 335 -17.70 -4.77 -11.34
C GLU B 335 -17.27 -6.16 -11.83
N HIS B 336 -16.01 -6.34 -12.22
CA HIS B 336 -15.57 -7.66 -12.67
C HIS B 336 -15.52 -8.69 -11.53
N PHE B 337 -15.72 -8.28 -10.28
CA PHE B 337 -15.77 -9.22 -9.18
C PHE B 337 -17.12 -9.90 -9.01
N CYS B 338 -18.18 -9.38 -9.64
CA CYS B 338 -19.51 -10.00 -9.58
C CYS B 338 -19.96 -10.22 -8.14
N LEU B 339 -19.87 -9.18 -7.31
CA LEU B 339 -20.09 -9.24 -5.87
C LEU B 339 -21.54 -9.10 -5.45
N GLY B 340 -22.47 -8.92 -6.38
CA GLY B 340 -23.81 -8.48 -6.05
C GLY B 340 -24.16 -7.18 -6.75
N ARG B 341 -25.45 -6.83 -6.66
CA ARG B 341 -25.98 -5.72 -7.44
C ARG B 341 -26.30 -4.49 -6.61
N ARG B 342 -26.30 -4.58 -5.29
CA ARG B 342 -26.49 -3.40 -4.45
C ARG B 342 -25.13 -2.73 -4.28
N ARG B 343 -24.93 -1.61 -4.98
CA ARG B 343 -23.64 -0.95 -5.06
C ARG B 343 -23.80 0.51 -4.70
N LEU B 344 -23.12 0.95 -3.64
CA LEU B 344 -23.20 2.31 -3.13
C LEU B 344 -21.89 3.03 -3.36
N HIS B 345 -21.97 4.27 -3.84
CA HIS B 345 -20.79 5.10 -3.97
C HIS B 345 -21.01 6.36 -3.14
N LEU B 346 -20.28 6.46 -2.05
CA LEU B 346 -20.42 7.61 -1.16
C LEU B 346 -19.38 8.64 -1.53
N PHE B 347 -19.81 9.90 -1.54
CA PHE B 347 -19.04 11.02 -2.03
C PHE B 347 -18.79 10.95 -3.53
N GLY B 348 -19.61 10.26 -4.30
CA GLY B 348 -19.60 10.42 -5.75
C GLY B 348 -20.09 11.81 -6.16
N ARG B 349 -19.99 12.08 -7.45
CA ARG B 349 -20.38 13.39 -7.98
C ARG B 349 -21.26 13.16 -9.20
N ASP B 350 -21.80 14.26 -9.75
CA ASP B 350 -22.50 14.15 -11.03
C ASP B 350 -21.65 13.39 -12.02
N SER B 351 -20.35 13.70 -12.04
CA SER B 351 -19.42 13.12 -13.00
C SER B 351 -19.24 11.61 -12.83
N THR B 352 -19.61 11.04 -11.68
CA THR B 352 -19.34 9.63 -11.42
C THR B 352 -20.56 8.74 -11.55
N ILE B 353 -21.75 9.33 -11.70
CA ILE B 353 -22.97 8.54 -11.76
C ILE B 353 -22.87 7.52 -12.90
N ARG B 354 -23.50 6.37 -12.70
CA ARG B 354 -23.12 5.23 -13.50
C ARG B 354 -24.18 4.16 -13.36
N PRO B 355 -24.55 3.49 -14.45
CA PRO B 355 -25.47 2.34 -14.33
C PRO B 355 -24.92 1.28 -13.38
N GLY B 356 -25.82 0.66 -12.64
CA GLY B 356 -25.43 -0.32 -11.65
C GLY B 356 -25.09 0.23 -10.28
N TRP B 357 -25.20 1.54 -10.07
CA TRP B 357 -24.66 2.16 -8.87
C TRP B 357 -25.66 3.13 -8.26
N LEU B 358 -25.66 3.20 -6.92
CA LEU B 358 -26.32 4.27 -6.18
C LEU B 358 -25.25 5.24 -5.68
N THR B 359 -25.34 6.49 -6.14
CA THR B 359 -24.37 7.54 -5.85
C THR B 359 -24.96 8.51 -4.85
N VAL B 360 -24.23 8.80 -3.77
CA VAL B 360 -24.66 9.73 -2.73
C VAL B 360 -23.53 10.70 -2.43
N GLY B 361 -23.82 11.99 -2.50
CA GLY B 361 -22.79 12.97 -2.29
C GLY B 361 -23.36 14.37 -2.13
N PRO B 362 -22.59 15.24 -1.48
CA PRO B 362 -23.09 16.61 -1.22
C PRO B 362 -23.14 17.50 -2.45
N THR B 363 -22.38 17.20 -3.50
CA THR B 363 -22.36 18.09 -4.65
C THR B 363 -23.30 17.66 -5.77
N LEU B 364 -24.03 16.54 -5.63
CA LEU B 364 -24.96 16.12 -6.67
C LEU B 364 -26.01 17.19 -6.91
N THR B 365 -26.28 17.50 -8.17
CA THR B 365 -27.20 18.59 -8.45
C THR B 365 -28.65 18.11 -8.54
N ASN B 366 -28.85 16.83 -8.78
CA ASN B 366 -30.17 16.24 -8.95
C ASN B 366 -30.23 14.95 -8.17
N SER B 367 -31.45 14.58 -7.77
CA SER B 367 -31.71 13.30 -7.11
C SER B 367 -32.84 12.55 -7.80
N ASN B 368 -32.76 11.24 -7.77
CA ASN B 368 -33.88 10.39 -8.16
C ASN B 368 -34.07 9.21 -7.22
N TYR B 369 -33.32 9.14 -6.13
CA TYR B 369 -33.38 7.99 -5.23
C TYR B 369 -34.75 7.88 -4.56
N ASN B 370 -35.31 6.66 -4.60
CA ASN B 370 -36.48 6.31 -3.78
C ASN B 370 -36.25 4.92 -3.20
N ALA B 371 -36.30 4.82 -1.88
CA ALA B 371 -35.89 3.57 -1.21
C ALA B 371 -36.75 2.41 -1.65
N GLU B 372 -38.06 2.60 -1.71
CA GLU B 372 -38.95 1.53 -2.15
C GLU B 372 -38.69 1.18 -3.62
N THR B 373 -38.46 2.18 -4.48
CA THR B 373 -38.11 1.88 -5.86
C THR B 373 -36.77 1.15 -5.95
N TYR B 374 -35.76 1.60 -5.20
CA TYR B 374 -34.46 0.96 -5.24
C TYR B 374 -34.54 -0.51 -4.81
N ALA B 375 -35.25 -0.77 -3.70
CA ALA B 375 -35.37 -2.14 -3.23
C ALA B 375 -36.06 -3.02 -4.26
N SER B 376 -37.06 -2.48 -4.97
CA SER B 376 -37.78 -3.28 -5.96
C SER B 376 -36.87 -3.86 -7.03
N TYR B 377 -35.71 -3.25 -7.30
CA TYR B 377 -34.76 -3.84 -8.23
C TYR B 377 -34.21 -5.18 -7.72
N PHE B 378 -34.31 -5.45 -6.42
CA PHE B 378 -33.73 -6.65 -5.84
C PHE B 378 -34.76 -7.55 -5.18
N SER B 379 -36.05 -7.23 -5.30
CA SER B 379 -37.09 -8.15 -4.87
C SER B 379 -36.96 -9.48 -5.62
N ALA B 380 -37.50 -10.53 -5.01
CA ALA B 380 -37.55 -11.83 -5.64
C ALA B 380 -38.14 -11.71 -7.04
N PRO B 381 -37.62 -12.45 -8.02
CA PRO B 381 -36.60 -13.51 -7.90
C PRO B 381 -35.14 -13.04 -8.08
N ASN B 382 -34.86 -11.75 -7.83
CA ASN B 382 -33.58 -11.16 -8.16
C ASN B 382 -32.69 -10.89 -6.95
N SER B 383 -33.06 -11.42 -5.78
CA SER B 383 -32.42 -11.02 -4.53
C SER B 383 -30.92 -11.35 -4.48
N TYR B 384 -30.48 -12.41 -5.18
CA TYR B 384 -29.15 -12.93 -4.97
C TYR B 384 -28.27 -12.90 -6.22
N LEU B 385 -28.63 -12.11 -7.24
CA LEU B 385 -27.86 -12.11 -8.48
C LEU B 385 -26.46 -11.56 -8.22
N THR B 386 -25.50 -12.08 -8.98
CA THR B 386 -24.12 -11.65 -8.89
C THR B 386 -23.86 -10.31 -9.56
N GLY B 387 -24.70 -9.92 -10.51
CA GLY B 387 -24.37 -8.84 -11.41
C GLY B 387 -23.65 -9.27 -12.67
N CYS B 388 -23.40 -10.57 -12.85
CA CYS B 388 -22.73 -11.13 -14.02
C CYS B 388 -23.55 -12.25 -14.64
N THR B 389 -24.83 -12.36 -14.30
CA THR B 389 -25.72 -13.42 -14.73
C THR B 389 -26.70 -12.90 -15.78
N GLU B 390 -27.43 -13.81 -16.40
CA GLU B 390 -28.54 -13.42 -17.27
C GLU B 390 -29.69 -12.87 -16.43
N GLU B 391 -30.43 -11.93 -17.00
CA GLU B 391 -31.47 -11.23 -16.25
C GLU B 391 -32.54 -12.18 -15.70
#